data_8VKF
#
_entry.id   8VKF
#
_cell.length_a   40.954
_cell.length_b   51.322
_cell.length_c   79.119
_cell.angle_alpha   90.00
_cell.angle_beta   92.57
_cell.angle_gamma   90.00
#
_symmetry.space_group_name_H-M   'P 1 21 1'
#
loop_
_entity.id
_entity.type
_entity.pdbx_description
1 polymer 'Cytochrome P450'
2 non-polymer 'PROTOPORPHYRIN IX CONTAINING FE'
3 non-polymer '4-propanoylbenzoic acid'
4 non-polymer 'CHLORIDE ION'
5 non-polymer 'MAGNESIUM ION'
6 water water
#
_entity_poly.entity_id   1
_entity_poly.type   'polypeptide(L)'
_entity_poly.pdbx_seq_one_letter_code
;MISNSSAESISAPPNDSTIPHLAIDPFSLDFFDDPYPDQQTLRDAGPVVYLDKWNVYGVARYAEVHAVLNDPTTFCSSRG
VGLSDFKKEKPWRPPSLILEADPPAHTRPRAVLSKVLSPATMKTIRDGFAAAADAKVDELLQRGCIDAIADLAEAYPLSV
FPDAMGLKQEGREHLLPYAGLVFNAFGPPNELRQTAIERSAPHQAYVNEQCQRPNLAPGGFGACIHAFTDTGEITPDEAP
LLVRSLLSAGLDTTVNGIGAAVYCLARFPGELQRLRSDPTLARNAFEEAVRFESPVQTFFRTTTREVELGGAVIGEGEKV
LMFLGSANRDPRRWSDPDLYDITRKTSGHVGFGSGVHMCVGQLVARLEGEVMLSALARKVAAIDIDGPVKRRFNNTLRGL
ESLPVKLTPA
;
_entity_poly.pdbx_strand_id   A
#
# COMPACT_ATOMS: atom_id res chain seq x y z
N THR A 18 -1.32 -27.14 20.30
CA THR A 18 -1.75 -25.90 20.94
C THR A 18 -2.20 -24.86 19.91
N ILE A 19 -1.51 -24.84 18.77
CA ILE A 19 -1.85 -23.89 17.70
C ILE A 19 -2.76 -24.58 16.69
N PRO A 20 -3.89 -23.97 16.35
CA PRO A 20 -4.74 -24.55 15.29
C PRO A 20 -4.05 -24.52 13.94
N HIS A 21 -4.27 -25.58 13.16
CA HIS A 21 -3.75 -25.69 11.81
C HIS A 21 -4.91 -25.48 10.83
N LEU A 22 -4.76 -24.53 9.93
CA LEU A 22 -5.80 -24.22 8.96
C LEU A 22 -5.30 -24.46 7.55
N ALA A 23 -6.21 -24.86 6.67
CA ALA A 23 -5.91 -25.11 5.27
C ALA A 23 -6.23 -23.92 4.37
N ILE A 24 -6.75 -22.83 4.94
CA ILE A 24 -7.04 -21.63 4.16
C ILE A 24 -5.79 -21.19 3.43
N ASP A 25 -5.92 -20.91 2.14
CA ASP A 25 -4.86 -20.33 1.32
C ASP A 25 -5.12 -18.84 1.16
N PRO A 26 -4.43 -17.97 1.91
CA PRO A 26 -4.68 -16.53 1.79
C PRO A 26 -4.12 -15.91 0.52
N PHE A 27 -3.55 -16.71 -0.37
CA PHE A 27 -3.05 -16.22 -1.66
C PHE A 27 -3.78 -16.89 -2.83
N SER A 28 -4.97 -17.40 -2.59
CA SER A 28 -5.79 -18.00 -3.64
C SER A 28 -6.77 -16.97 -4.18
N LEU A 29 -7.20 -17.18 -5.43
CA LEU A 29 -8.13 -16.26 -6.05
C LEU A 29 -9.45 -16.21 -5.30
N ASP A 30 -9.94 -17.36 -4.82
CA ASP A 30 -11.18 -17.38 -4.06
C ASP A 30 -11.05 -16.57 -2.78
N PHE A 31 -9.88 -16.56 -2.17
CA PHE A 31 -9.64 -15.71 -1.01
C PHE A 31 -9.67 -14.24 -1.40
N PHE A 32 -8.94 -13.88 -2.46
CA PHE A 32 -8.92 -12.49 -2.93
C PHE A 32 -10.32 -12.00 -3.25
N ASP A 33 -11.15 -12.86 -3.85
CA ASP A 33 -12.47 -12.41 -4.29
C ASP A 33 -13.34 -12.01 -3.12
N ASP A 34 -13.20 -12.69 -1.98
CA ASP A 34 -13.97 -12.36 -0.78
C ASP A 34 -13.22 -12.86 0.43
N PRO A 35 -12.33 -12.03 1.01
CA PRO A 35 -11.48 -12.49 2.11
C PRO A 35 -12.12 -12.42 3.49
N TYR A 36 -13.23 -11.71 3.64
CA TYR A 36 -13.72 -11.37 4.96
C TYR A 36 -14.20 -12.57 5.77
N PRO A 37 -14.94 -13.53 5.20
CA PRO A 37 -15.28 -14.72 5.99
C PRO A 37 -14.06 -15.52 6.43
N ASP A 38 -13.10 -15.77 5.53
CA ASP A 38 -11.90 -16.49 5.94
C ASP A 38 -11.11 -15.70 6.97
N GLN A 39 -11.16 -14.36 6.91
CA GLN A 39 -10.43 -13.56 7.87
C GLN A 39 -11.03 -13.68 9.27
N GLN A 40 -12.35 -13.80 9.38
CA GLN A 40 -12.93 -14.05 10.69
C GLN A 40 -12.55 -15.44 11.20
N THR A 41 -12.56 -16.44 10.30
CA THR A 41 -12.13 -17.77 10.70
C THR A 41 -10.70 -17.75 11.24
N LEU A 42 -9.81 -16.99 10.59
CA LEU A 42 -8.44 -16.89 11.07
C LEU A 42 -8.36 -16.16 12.41
N ARG A 43 -9.15 -15.10 12.58
CA ARG A 43 -9.18 -14.40 13.86
C ARG A 43 -9.71 -15.30 14.97
N ASP A 44 -10.84 -15.96 14.72
CA ASP A 44 -11.53 -16.70 15.76
C ASP A 44 -10.92 -18.08 16.02
N ALA A 45 -10.02 -18.55 15.16
CA ALA A 45 -9.36 -19.82 15.44
C ALA A 45 -8.38 -19.72 16.59
N GLY A 46 -7.90 -18.51 16.89
CA GLY A 46 -6.92 -18.30 17.92
C GLY A 46 -6.06 -17.09 17.59
N PRO A 47 -5.31 -16.58 18.57
CA PRO A 47 -4.43 -15.43 18.29
C PRO A 47 -3.29 -15.75 17.36
N VAL A 48 -2.87 -17.01 17.27
CA VAL A 48 -1.84 -17.44 16.32
C VAL A 48 -2.30 -18.74 15.68
N VAL A 49 -2.22 -18.80 14.36
CA VAL A 49 -2.57 -20.01 13.62
C VAL A 49 -1.35 -20.47 12.82
N TYR A 50 -1.43 -21.70 12.34
CA TYR A 50 -0.44 -22.25 11.42
C TYR A 50 -1.15 -22.59 10.11
N LEU A 51 -0.62 -22.08 9.01
CA LEU A 51 -1.21 -22.26 7.69
C LEU A 51 -0.47 -23.39 6.99
N ASP A 52 -1.06 -24.59 7.01
CA ASP A 52 -0.44 -25.77 6.43
C ASP A 52 -0.15 -25.63 4.94
N LYS A 53 -0.89 -24.77 4.23
CA LYS A 53 -0.69 -24.62 2.80
C LYS A 53 0.71 -24.14 2.48
N TRP A 54 1.25 -23.26 3.32
CA TRP A 54 2.52 -22.61 3.05
C TRP A 54 3.54 -22.75 4.18
N ASN A 55 3.20 -23.45 5.26
CA ASN A 55 4.11 -23.68 6.38
C ASN A 55 4.58 -22.38 7.02
N VAL A 56 3.61 -21.52 7.35
CA VAL A 56 3.89 -20.25 8.00
C VAL A 56 2.91 -20.07 9.15
N TYR A 57 3.32 -19.27 10.12
CA TYR A 57 2.41 -18.82 11.16
C TYR A 57 1.62 -17.62 10.68
N GLY A 58 0.41 -17.46 11.22
CA GLY A 58 -0.45 -16.36 10.85
C GLY A 58 -1.05 -15.71 12.08
N VAL A 59 -1.17 -14.38 12.02
CA VAL A 59 -1.84 -13.60 13.05
C VAL A 59 -2.81 -12.66 12.35
N ALA A 60 -4.09 -12.72 12.75
CA ALA A 60 -5.14 -11.95 12.08
C ALA A 60 -5.88 -10.99 12.99
N ARG A 61 -5.67 -11.03 14.30
CA ARG A 61 -6.31 -10.10 15.21
C ARG A 61 -5.48 -8.82 15.32
N TYR A 62 -6.15 -7.73 15.69
CA TYR A 62 -5.46 -6.45 15.80
C TYR A 62 -4.32 -6.53 16.80
N ALA A 63 -4.57 -7.11 17.98
CA ALA A 63 -3.60 -7.08 19.07
C ALA A 63 -2.27 -7.71 18.64
N GLU A 64 -2.32 -8.90 18.06
CA GLU A 64 -1.09 -9.59 17.70
C GLU A 64 -0.41 -8.94 16.49
N VAL A 65 -1.20 -8.48 15.51
CA VAL A 65 -0.63 -7.80 14.36
C VAL A 65 0.13 -6.55 14.81
N HIS A 66 -0.49 -5.76 15.68
CA HIS A 66 0.19 -4.59 16.22
C HIS A 66 1.41 -4.99 17.04
N ALA A 67 1.28 -6.03 17.85
CA ALA A 67 2.41 -6.47 18.68
C ALA A 67 3.58 -6.91 17.81
N VAL A 68 3.31 -7.67 16.76
CA VAL A 68 4.39 -8.16 15.89
C VAL A 68 5.07 -7.00 15.18
N LEU A 69 4.30 -6.03 14.69
CA LEU A 69 4.88 -4.91 13.96
C LEU A 69 5.80 -4.07 14.84
N ASN A 70 5.49 -3.98 16.14
CA ASN A 70 6.25 -3.14 17.05
C ASN A 70 7.30 -3.94 17.84
N ASP A 71 7.60 -5.14 17.40
CA ASP A 71 8.65 -5.97 18.01
C ASP A 71 9.68 -6.33 16.93
N PRO A 72 10.41 -5.34 16.41
CA PRO A 72 11.27 -5.61 15.24
C PRO A 72 12.50 -6.44 15.54
N THR A 73 12.94 -6.54 16.80
CA THR A 73 14.13 -7.36 17.08
C THR A 73 13.85 -8.85 17.09
N THR A 74 12.60 -9.26 17.35
CA THR A 74 12.22 -10.65 17.22
C THR A 74 11.58 -10.96 15.88
N PHE A 75 10.73 -10.08 15.38
CA PHE A 75 10.05 -10.26 14.10
C PHE A 75 10.72 -9.31 13.11
N CYS A 76 11.79 -9.79 12.47
CA CYS A 76 12.66 -8.94 11.67
C CYS A 76 12.15 -8.84 10.23
N SER A 77 12.70 -7.86 9.51
CA SER A 77 12.42 -7.66 8.10
C SER A 77 13.61 -7.93 7.18
N SER A 78 14.81 -8.08 7.74
CA SER A 78 16.00 -8.26 6.91
C SER A 78 16.06 -9.62 6.23
N ARG A 79 15.21 -10.57 6.62
CA ARG A 79 15.10 -11.84 5.91
C ARG A 79 13.93 -11.85 4.95
N GLY A 80 13.44 -10.67 4.57
CA GLY A 80 12.35 -10.56 3.62
C GLY A 80 11.00 -10.39 4.29
N VAL A 81 10.16 -9.51 3.72
CA VAL A 81 8.77 -9.38 4.16
C VAL A 81 7.82 -10.13 3.24
N GLY A 82 8.35 -10.88 2.28
CA GLY A 82 7.58 -11.87 1.54
C GLY A 82 7.68 -13.24 2.19
N LEU A 83 7.10 -14.22 1.51
CA LEU A 83 7.19 -15.59 2.02
C LEU A 83 8.63 -16.09 1.98
N SER A 84 9.39 -15.68 0.97
CA SER A 84 10.75 -16.16 0.79
C SER A 84 11.64 -15.68 1.93
N ASP A 85 12.45 -16.61 2.47
CA ASP A 85 13.42 -16.29 3.51
C ASP A 85 14.76 -16.00 2.84
N PHE A 86 15.24 -14.76 2.97
CA PHE A 86 16.49 -14.38 2.33
C PHE A 86 17.67 -15.19 2.84
N LYS A 87 17.55 -15.81 4.01
CA LYS A 87 18.59 -16.72 4.50
C LYS A 87 18.58 -18.06 3.77
N LYS A 88 17.49 -18.39 3.08
CA LYS A 88 17.36 -19.66 2.40
C LYS A 88 17.32 -19.56 0.88
N GLU A 89 16.77 -18.48 0.34
CA GLU A 89 16.70 -18.28 -1.10
C GLU A 89 17.27 -16.92 -1.47
N LYS A 90 17.65 -16.78 -2.74
CA LYS A 90 18.10 -15.50 -3.27
C LYS A 90 16.92 -14.56 -3.48
N PRO A 91 17.02 -13.30 -3.08
CA PRO A 91 15.97 -12.33 -3.42
C PRO A 91 15.89 -12.15 -4.93
N TRP A 92 14.66 -11.98 -5.43
CA TRP A 92 14.48 -11.84 -6.88
C TRP A 92 15.10 -10.56 -7.43
N ARG A 93 15.34 -9.57 -6.57
CA ARG A 93 16.05 -8.34 -6.88
C ARG A 93 16.88 -8.00 -5.66
N PRO A 94 17.88 -7.13 -5.79
CA PRO A 94 18.67 -6.73 -4.62
C PRO A 94 17.78 -6.24 -3.50
N PRO A 95 18.05 -6.64 -2.25
CA PRO A 95 17.14 -6.28 -1.16
C PRO A 95 16.96 -4.78 -1.03
N SER A 96 15.74 -4.38 -0.67
CA SER A 96 15.48 -2.99 -0.39
C SER A 96 16.26 -2.55 0.84
N LEU A 97 16.87 -1.36 0.77
CA LEU A 97 17.68 -0.86 1.87
C LEU A 97 16.86 -0.33 3.02
N ILE A 98 15.54 -0.20 2.86
CA ILE A 98 14.66 0.30 3.91
C ILE A 98 13.62 -0.74 4.31
N LEU A 99 12.90 -1.29 3.33
CA LEU A 99 11.85 -2.26 3.63
C LEU A 99 12.43 -3.57 4.15
N GLU A 100 13.53 -4.01 3.58
CA GLU A 100 14.10 -5.32 3.88
C GLU A 100 15.39 -5.20 4.69
N ALA A 101 15.39 -4.26 5.62
CA ALA A 101 16.50 -4.05 6.54
C ALA A 101 15.94 -3.81 7.94
N ASP A 102 16.79 -4.06 8.93
CA ASP A 102 16.46 -3.85 10.33
C ASP A 102 17.31 -2.72 10.89
N PRO A 103 16.87 -2.08 11.98
CA PRO A 103 17.77 -1.21 12.73
C PRO A 103 18.99 -1.98 13.16
N PRO A 104 20.20 -1.38 13.07
CA PRO A 104 20.50 0.01 12.73
C PRO A 104 20.66 0.32 11.24
N ALA A 105 20.87 -0.69 10.38
CA ALA A 105 21.06 -0.43 8.96
C ALA A 105 19.88 0.32 8.35
N HIS A 106 18.69 0.10 8.88
CA HIS A 106 17.48 0.71 8.34
C HIS A 106 17.41 2.21 8.62
N THR A 107 18.07 2.68 9.68
CA THR A 107 17.75 3.98 10.27
C THR A 107 18.10 5.15 9.35
N ARG A 108 19.33 5.20 8.86
CA ARG A 108 19.70 6.39 8.10
C ARG A 108 19.02 6.43 6.72
N PRO A 109 18.89 5.33 5.99
CA PRO A 109 18.06 5.38 4.78
C PRO A 109 16.63 5.76 5.06
N ARG A 110 16.08 5.30 6.19
CA ARG A 110 14.73 5.72 6.57
C ARG A 110 14.66 7.23 6.78
N ALA A 111 15.68 7.80 7.45
CA ALA A 111 15.68 9.23 7.70
C ALA A 111 15.73 10.03 6.41
N VAL A 112 16.47 9.53 5.41
CA VAL A 112 16.54 10.22 4.12
C VAL A 112 15.16 10.26 3.47
N LEU A 113 14.50 9.10 3.39
CA LEU A 113 13.16 9.08 2.80
C LEU A 113 12.17 9.90 3.62
N SER A 114 12.34 9.92 4.95
N SER A 114 12.34 9.91 4.95
CA SER A 114 11.46 10.73 5.79
CA SER A 114 11.46 10.73 5.78
C SER A 114 11.63 12.21 5.50
C SER A 114 11.63 12.21 5.47
N LYS A 115 12.86 12.65 5.20
CA LYS A 115 13.10 14.05 4.88
C LYS A 115 12.66 14.38 3.46
N VAL A 116 12.92 13.48 2.51
CA VAL A 116 12.51 13.70 1.13
C VAL A 116 10.99 13.83 1.03
N LEU A 117 10.27 12.99 1.75
CA LEU A 117 8.80 12.99 1.76
C LEU A 117 8.24 13.65 3.01
N SER A 118 8.86 14.75 3.45
CA SER A 118 8.58 15.36 4.74
C SER A 118 7.36 16.27 4.68
N PRO A 119 6.85 16.69 5.84
CA PRO A 119 5.84 17.76 5.83
C PRO A 119 6.27 18.99 5.06
N ALA A 120 7.54 19.39 5.19
CA ALA A 120 8.04 20.54 4.44
C ALA A 120 7.92 20.31 2.94
N THR A 121 8.21 19.08 2.49
CA THR A 121 8.14 18.80 1.05
C THR A 121 6.70 18.84 0.56
N MET A 122 5.74 18.41 1.38
CA MET A 122 4.34 18.43 0.98
C MET A 122 3.90 19.82 0.57
N LYS A 123 4.44 20.86 1.22
CA LYS A 123 4.09 22.24 0.86
C LYS A 123 4.44 22.56 -0.58
N THR A 124 5.53 21.97 -1.11
CA THR A 124 5.97 22.31 -2.46
C THR A 124 5.14 21.64 -3.54
N ILE A 125 4.39 20.59 -3.21
CA ILE A 125 3.61 19.85 -4.21
C ILE A 125 2.12 20.00 -4.03
N ARG A 126 1.66 20.57 -2.92
CA ARG A 126 0.24 20.54 -2.60
C ARG A 126 -0.62 21.24 -3.66
N ASP A 127 -0.21 22.44 -4.08
CA ASP A 127 -1.05 23.19 -5.00
C ASP A 127 -1.18 22.47 -6.34
N GLY A 128 -0.09 21.92 -6.86
CA GLY A 128 -0.16 21.18 -8.10
C GLY A 128 -0.96 19.90 -7.98
N PHE A 129 -0.80 19.19 -6.85
CA PHE A 129 -1.55 17.95 -6.65
C PHE A 129 -3.04 18.23 -6.51
N ALA A 130 -3.41 19.32 -5.83
CA ALA A 130 -4.82 19.67 -5.66
C ALA A 130 -5.43 20.16 -6.96
N ALA A 131 -4.70 21.01 -7.70
CA ALA A 131 -5.19 21.49 -8.98
C ALA A 131 -5.41 20.34 -9.96
N ALA A 132 -4.48 19.38 -9.99
CA ALA A 132 -4.64 18.24 -10.89
C ALA A 132 -5.85 17.40 -10.50
N ALA A 133 -6.13 17.26 -9.21
CA ALA A 133 -7.31 16.50 -8.78
C ALA A 133 -8.60 17.23 -9.16
N ASP A 134 -8.66 18.54 -8.94
CA ASP A 134 -9.83 19.32 -9.35
C ASP A 134 -10.07 19.20 -10.85
N ALA A 135 -9.02 19.35 -11.65
CA ALA A 135 -9.17 19.28 -13.10
C ALA A 135 -9.65 17.91 -13.54
N LYS A 136 -9.12 16.85 -12.94
CA LYS A 136 -9.53 15.50 -13.33
C LYS A 136 -11.01 15.26 -13.07
N VAL A 137 -11.50 15.68 -11.90
CA VAL A 137 -12.91 15.46 -11.58
C VAL A 137 -13.80 16.23 -12.53
N ASP A 138 -13.43 17.48 -12.84
CA ASP A 138 -14.22 18.26 -13.81
C ASP A 138 -14.14 17.63 -15.19
N GLU A 139 -12.98 17.12 -15.59
CA GLU A 139 -12.86 16.42 -16.86
C GLU A 139 -13.77 15.19 -16.89
N LEU A 140 -13.81 14.43 -15.81
CA LEU A 140 -14.64 13.23 -15.77
C LEU A 140 -16.12 13.57 -15.74
N LEU A 141 -16.49 14.70 -15.13
CA LEU A 141 -17.90 15.08 -15.12
C LEU A 141 -18.39 15.44 -16.52
N GLN A 142 -17.51 15.96 -17.38
CA GLN A 142 -17.88 16.20 -18.76
C GLN A 142 -18.17 14.91 -19.51
N ARG A 143 -17.63 13.78 -19.04
CA ARG A 143 -17.88 12.49 -19.67
C ARG A 143 -19.09 11.77 -19.07
N GLY A 144 -19.38 11.99 -17.79
CA GLY A 144 -20.50 11.36 -17.14
C GLY A 144 -20.21 9.95 -16.66
N CYS A 145 -20.14 9.00 -17.60
CA CYS A 145 -19.97 7.59 -17.29
C CYS A 145 -18.52 7.20 -17.55
N ILE A 146 -17.79 6.87 -16.47
CA ILE A 146 -16.36 6.66 -16.52
C ILE A 146 -16.01 5.33 -15.87
N ASP A 147 -14.74 4.95 -15.98
CA ASP A 147 -14.17 3.86 -15.20
C ASP A 147 -13.35 4.49 -14.08
N ALA A 148 -13.82 4.32 -12.84
CA ALA A 148 -13.15 4.94 -11.70
C ALA A 148 -11.75 4.39 -11.46
N ILE A 149 -11.38 3.26 -12.08
CA ILE A 149 -10.02 2.77 -11.94
C ILE A 149 -9.15 3.43 -13.02
N ALA A 150 -9.36 3.05 -14.27
CA ALA A 150 -8.50 3.55 -15.36
C ALA A 150 -8.54 5.07 -15.46
N ASP A 151 -9.72 5.66 -15.37
CA ASP A 151 -9.89 7.09 -15.64
C ASP A 151 -9.67 7.97 -14.40
N LEU A 152 -9.53 7.37 -13.21
CA LEU A 152 -9.44 8.18 -12.00
C LEU A 152 -8.37 7.66 -11.05
N ALA A 153 -8.59 6.45 -10.50
CA ALA A 153 -7.64 5.91 -9.53
C ALA A 153 -6.27 5.69 -10.14
N GLU A 154 -6.20 5.36 -11.43
CA GLU A 154 -4.93 5.24 -12.11
C GLU A 154 -4.49 6.56 -12.75
N ALA A 155 -5.44 7.26 -13.39
CA ALA A 155 -5.08 8.44 -14.16
C ALA A 155 -4.52 9.54 -13.29
N TYR A 156 -5.17 9.82 -12.14
CA TYR A 156 -4.70 10.93 -11.31
C TYR A 156 -3.30 10.68 -10.75
N PRO A 157 -3.02 9.57 -10.04
CA PRO A 157 -1.64 9.34 -9.59
C PRO A 157 -0.62 9.33 -10.72
N LEU A 158 -0.99 8.80 -11.88
CA LEU A 158 -0.06 8.84 -13.02
C LEU A 158 0.20 10.27 -13.47
N SER A 159 -0.74 11.19 -13.23
CA SER A 159 -0.59 12.56 -13.68
C SER A 159 0.24 13.42 -12.72
N VAL A 160 0.49 12.96 -11.49
CA VAL A 160 1.19 13.76 -10.50
C VAL A 160 2.45 13.07 -9.97
N PHE A 161 2.40 11.75 -9.73
CA PHE A 161 3.49 11.12 -9.00
C PHE A 161 4.75 10.93 -9.83
N PRO A 162 4.66 10.43 -11.08
CA PRO A 162 5.89 10.38 -11.90
C PRO A 162 6.57 11.73 -12.04
N ASP A 163 5.79 12.80 -12.25
CA ASP A 163 6.38 14.13 -12.33
C ASP A 163 7.03 14.52 -11.02
N ALA A 164 6.36 14.26 -9.89
CA ALA A 164 6.91 14.61 -8.59
C ALA A 164 8.19 13.84 -8.29
N MET A 165 8.29 12.60 -8.78
CA MET A 165 9.55 11.86 -8.71
C MET A 165 10.65 12.51 -9.55
N GLY A 166 10.27 13.32 -10.54
CA GLY A 166 11.24 13.83 -11.48
C GLY A 166 11.57 12.87 -12.61
N LEU A 167 10.66 11.96 -12.93
CA LEU A 167 10.91 10.99 -13.98
C LEU A 167 10.77 11.63 -15.36
N LYS A 168 11.59 11.17 -16.30
CA LYS A 168 11.41 11.54 -17.69
C LYS A 168 10.10 10.94 -18.23
N GLN A 169 9.69 11.41 -19.40
CA GLN A 169 8.45 10.91 -19.99
C GLN A 169 8.63 9.48 -20.51
N GLU A 170 9.75 9.21 -21.16
CA GLU A 170 9.96 7.92 -21.81
C GLU A 170 9.96 6.78 -20.80
N GLY A 171 9.13 5.76 -21.07
CA GLY A 171 9.17 4.52 -20.31
C GLY A 171 8.21 4.43 -19.15
N ARG A 172 7.41 5.46 -18.89
CA ARG A 172 6.51 5.44 -17.73
C ARG A 172 5.50 4.30 -17.80
N GLU A 173 5.28 3.73 -18.98
CA GLU A 173 4.36 2.62 -19.14
C GLU A 173 4.83 1.36 -18.38
N HIS A 174 6.10 1.32 -17.95
CA HIS A 174 6.61 0.22 -17.15
C HIS A 174 6.28 0.34 -15.67
N LEU A 175 5.75 1.47 -15.21
CA LEU A 175 5.69 1.75 -13.78
C LEU A 175 4.67 0.87 -13.07
N LEU A 176 3.45 0.79 -13.60
CA LEU A 176 2.42 -0.03 -12.96
C LEU A 176 2.73 -1.51 -13.11
N PRO A 177 3.19 -2.00 -14.28
CA PRO A 177 3.62 -3.41 -14.34
C PRO A 177 4.70 -3.77 -13.35
N TYR A 178 5.69 -2.89 -13.14
CA TYR A 178 6.76 -3.19 -12.19
C TYR A 178 6.23 -3.25 -10.76
N ALA A 179 5.34 -2.31 -10.41
CA ALA A 179 4.79 -2.30 -9.06
C ALA A 179 3.96 -3.56 -8.81
N GLY A 180 3.17 -3.98 -9.79
CA GLY A 180 2.42 -5.22 -9.64
C GLY A 180 3.33 -6.42 -9.45
N LEU A 181 4.46 -6.44 -10.16
CA LEU A 181 5.45 -7.49 -9.97
C LEU A 181 6.00 -7.46 -8.55
N VAL A 182 6.35 -6.27 -8.06
CA VAL A 182 6.93 -6.14 -6.72
C VAL A 182 6.01 -6.75 -5.68
N PHE A 183 4.72 -6.40 -5.73
CA PHE A 183 3.80 -6.84 -4.69
C PHE A 183 3.37 -8.29 -4.87
N ASN A 184 3.30 -8.78 -6.11
CA ASN A 184 3.08 -10.21 -6.30
C ASN A 184 4.25 -11.03 -5.77
N ALA A 185 5.46 -10.47 -5.78
CA ALA A 185 6.65 -11.22 -5.40
C ALA A 185 6.77 -11.40 -3.88
N PHE A 186 6.06 -10.61 -3.08
CA PHE A 186 5.98 -10.89 -1.65
C PHE A 186 5.20 -12.16 -1.36
N GLY A 187 4.46 -12.68 -2.34
CA GLY A 187 3.63 -13.82 -2.11
C GLY A 187 4.38 -15.13 -2.25
N PRO A 188 3.66 -16.24 -2.14
CA PRO A 188 4.28 -17.55 -2.32
C PRO A 188 4.56 -17.81 -3.78
N PRO A 189 5.36 -18.83 -4.11
CA PRO A 189 5.65 -19.09 -5.53
C PRO A 189 4.46 -19.68 -6.26
N ASN A 190 3.31 -19.00 -6.23
CA ASN A 190 2.14 -19.42 -6.98
C ASN A 190 2.23 -18.84 -8.39
N GLU A 191 1.18 -19.07 -9.19
CA GLU A 191 1.22 -18.63 -10.58
C GLU A 191 1.28 -17.12 -10.68
N LEU A 192 0.59 -16.40 -9.80
CA LEU A 192 0.65 -14.94 -9.80
C LEU A 192 2.09 -14.45 -9.66
N ARG A 193 2.87 -15.09 -8.79
CA ARG A 193 4.23 -14.62 -8.54
C ARG A 193 5.17 -15.02 -9.67
N GLN A 194 5.10 -16.28 -10.11
CA GLN A 194 6.03 -16.74 -11.14
C GLN A 194 5.73 -16.10 -12.49
N THR A 195 4.45 -15.80 -12.77
CA THR A 195 4.12 -15.07 -13.98
C THR A 195 4.70 -13.65 -13.93
N ALA A 196 4.71 -13.04 -12.75
CA ALA A 196 5.23 -11.68 -12.63
C ALA A 196 6.75 -11.65 -12.79
N ILE A 197 7.45 -12.60 -12.17
CA ILE A 197 8.92 -12.58 -12.19
C ILE A 197 9.44 -13.02 -13.55
N GLU A 198 8.77 -13.98 -14.18
CA GLU A 198 9.16 -14.45 -15.50
C GLU A 198 9.13 -13.30 -16.51
N ARG A 199 10.24 -13.12 -17.23
CA ARG A 199 10.35 -12.09 -18.26
C ARG A 199 10.10 -10.69 -17.71
N SER A 200 10.49 -10.44 -16.47
CA SER A 200 10.34 -9.12 -15.86
C SER A 200 11.55 -8.22 -16.10
N ALA A 201 12.59 -8.73 -16.77
CA ALA A 201 13.79 -7.95 -17.03
C ALA A 201 13.52 -6.58 -17.66
N PRO A 202 12.67 -6.44 -18.69
CA PRO A 202 12.43 -5.09 -19.24
C PRO A 202 11.90 -4.11 -18.23
N HIS A 203 11.05 -4.55 -17.30
CA HIS A 203 10.57 -3.65 -16.25
C HIS A 203 11.68 -3.29 -15.28
N GLN A 204 12.49 -4.28 -14.88
CA GLN A 204 13.61 -4.03 -13.99
C GLN A 204 14.63 -3.10 -14.63
N ALA A 205 14.87 -3.27 -15.93
CA ALA A 205 15.86 -2.45 -16.62
C ALA A 205 15.42 -0.99 -16.69
N TYR A 206 14.14 -0.76 -16.99
CA TYR A 206 13.64 0.62 -17.03
C TYR A 206 13.77 1.28 -15.66
N VAL A 207 13.30 0.61 -14.61
CA VAL A 207 13.29 1.19 -13.27
C VAL A 207 14.71 1.47 -12.81
N ASN A 208 15.59 0.48 -12.93
CA ASN A 208 16.96 0.66 -12.46
C ASN A 208 17.66 1.80 -13.20
N GLU A 209 17.33 1.99 -14.48
CA GLU A 209 17.93 3.10 -15.22
C GLU A 209 17.45 4.45 -14.69
N GLN A 210 16.14 4.59 -14.44
CA GLN A 210 15.63 5.86 -13.93
C GLN A 210 16.09 6.15 -12.51
N CYS A 211 16.60 5.14 -11.79
CA CYS A 211 17.13 5.38 -10.45
C CYS A 211 18.48 6.07 -10.46
N GLN A 212 19.16 6.11 -11.62
CA GLN A 212 20.46 6.76 -11.71
C GLN A 212 20.29 8.27 -11.76
N ARG A 213 21.17 8.98 -11.05
CA ARG A 213 21.04 10.43 -10.90
C ARG A 213 20.87 11.22 -12.19
N PRO A 214 21.58 10.92 -13.29
CA PRO A 214 21.40 11.77 -14.50
C PRO A 214 20.00 11.75 -15.07
N ASN A 215 19.17 10.78 -14.68
CA ASN A 215 17.84 10.63 -15.26
C ASN A 215 16.74 11.26 -14.44
N LEU A 216 17.07 11.90 -13.32
CA LEU A 216 16.07 12.41 -12.39
C LEU A 216 16.09 13.94 -12.42
N ALA A 217 14.91 14.53 -12.64
CA ALA A 217 14.80 15.98 -12.74
C ALA A 217 15.19 16.62 -11.41
N PRO A 218 16.10 17.60 -11.41
CA PRO A 218 16.43 18.31 -10.17
C PRO A 218 15.17 18.86 -9.52
N GLY A 219 15.14 18.80 -8.19
CA GLY A 219 13.99 19.22 -7.42
C GLY A 219 12.95 18.15 -7.16
N GLY A 220 12.96 17.06 -7.92
CA GLY A 220 12.03 15.96 -7.69
C GLY A 220 12.48 15.06 -6.55
N PHE A 221 11.60 14.12 -6.20
CA PHE A 221 11.91 13.20 -5.11
C PHE A 221 13.20 12.44 -5.39
N GLY A 222 13.34 11.92 -6.61
CA GLY A 222 14.50 11.09 -6.91
C GLY A 222 15.81 11.86 -6.81
N ALA A 223 15.85 13.05 -7.40
CA ALA A 223 17.07 13.86 -7.32
C ALA A 223 17.36 14.29 -5.89
N CYS A 224 16.32 14.50 -5.08
CA CYS A 224 16.54 14.89 -3.69
CA CYS A 224 16.56 14.90 -3.69
C CYS A 224 17.17 13.76 -2.88
N ILE A 225 16.81 12.50 -3.19
CA ILE A 225 17.46 11.37 -2.54
C ILE A 225 18.96 11.38 -2.84
N HIS A 226 19.30 11.54 -4.12
CA HIS A 226 20.71 11.62 -4.51
C HIS A 226 21.41 12.78 -3.83
N ALA A 227 20.70 13.91 -3.66
CA ALA A 227 21.31 15.06 -2.98
C ALA A 227 21.67 14.75 -1.54
N PHE A 228 20.98 13.80 -0.89
CA PHE A 228 21.31 13.45 0.48
C PHE A 228 22.57 12.61 0.60
N THR A 229 23.13 12.13 -0.52
CA THR A 229 24.40 11.42 -0.45
C THR A 229 25.52 12.33 0.04
N ASP A 230 25.36 13.65 -0.10
CA ASP A 230 26.34 14.60 0.41
C ASP A 230 26.42 14.62 1.93
N THR A 231 25.34 14.23 2.62
CA THR A 231 25.25 14.45 4.06
C THR A 231 25.92 13.38 4.89
N GLY A 232 26.28 12.25 4.31
CA GLY A 232 26.74 11.12 5.08
C GLY A 232 25.63 10.19 5.54
N GLU A 233 24.38 10.47 5.19
CA GLU A 233 23.30 9.60 5.61
C GLU A 233 23.17 8.38 4.72
N ILE A 234 23.42 8.54 3.41
CA ILE A 234 23.46 7.43 2.48
C ILE A 234 24.64 7.65 1.54
N THR A 235 25.24 6.55 1.09
CA THR A 235 26.30 6.64 0.09
C THR A 235 25.71 6.79 -1.30
N PRO A 236 26.49 7.29 -2.26
CA PRO A 236 25.99 7.38 -3.64
C PRO A 236 25.43 6.08 -4.20
N ASP A 237 26.03 4.93 -3.85
CA ASP A 237 25.52 3.67 -4.37
C ASP A 237 24.25 3.20 -3.66
N GLU A 238 23.89 3.82 -2.54
CA GLU A 238 22.63 3.49 -1.89
C GLU A 238 21.46 4.30 -2.46
N ALA A 239 21.75 5.47 -3.03
CA ALA A 239 20.67 6.34 -3.50
C ALA A 239 19.80 5.73 -4.59
N PRO A 240 20.34 5.07 -5.64
CA PRO A 240 19.45 4.47 -6.64
C PRO A 240 18.48 3.46 -6.04
N LEU A 241 18.92 2.66 -5.06
CA LEU A 241 18.02 1.68 -4.46
C LEU A 241 16.91 2.35 -3.66
N LEU A 242 17.17 3.54 -3.09
CA LEU A 242 16.11 4.25 -2.38
C LEU A 242 15.15 4.92 -3.36
N VAL A 243 15.65 5.42 -4.49
CA VAL A 243 14.77 5.83 -5.57
C VAL A 243 13.89 4.66 -6.00
N ARG A 244 14.49 3.47 -6.11
CA ARG A 244 13.74 2.27 -6.46
C ARG A 244 12.60 2.04 -5.47
N SER A 245 12.85 2.30 -4.19
CA SER A 245 11.82 2.09 -3.17
C SER A 245 10.58 2.92 -3.46
N LEU A 246 10.76 4.20 -3.79
CA LEU A 246 9.61 5.05 -4.06
C LEU A 246 8.88 4.61 -5.32
N LEU A 247 9.63 4.21 -6.35
CA LEU A 247 9.02 3.72 -7.58
C LEU A 247 8.35 2.36 -7.39
N SER A 248 8.75 1.61 -6.37
CA SER A 248 8.11 0.32 -6.11
C SER A 248 6.82 0.50 -5.30
N ALA A 249 6.86 1.36 -4.29
CA ALA A 249 5.82 1.40 -3.27
C ALA A 249 4.89 2.58 -3.36
N GLY A 250 5.21 3.58 -4.18
CA GLY A 250 4.49 4.84 -4.14
C GLY A 250 3.40 5.06 -5.18
N LEU A 251 3.21 4.15 -6.12
CA LEU A 251 2.25 4.35 -7.21
C LEU A 251 1.04 3.44 -7.07
N ASP A 252 1.23 2.13 -7.26
N ASP A 252 1.16 2.14 -7.28
CA ASP A 252 0.15 1.15 -7.23
CA ASP A 252 -0.08 1.37 -7.30
C ASP A 252 -0.64 1.22 -5.94
C ASP A 252 -0.64 1.08 -5.91
N THR A 253 0.04 1.51 -4.84
CA THR A 253 -0.61 1.57 -3.53
C THR A 253 -1.65 2.69 -3.52
N THR A 254 -1.25 3.89 -3.96
CA THR A 254 -2.17 5.01 -4.02
C THR A 254 -3.28 4.77 -5.03
N VAL A 255 -2.99 4.06 -6.13
CA VAL A 255 -4.03 3.70 -7.09
C VAL A 255 -5.12 2.89 -6.40
N ASN A 256 -4.72 1.82 -5.70
CA ASN A 256 -5.71 1.00 -5.02
C ASN A 256 -6.38 1.75 -3.87
N GLY A 257 -5.63 2.64 -3.19
CA GLY A 257 -6.23 3.40 -2.11
C GLY A 257 -7.29 4.36 -2.58
N ILE A 258 -7.01 5.10 -3.66
CA ILE A 258 -7.99 6.04 -4.18
C ILE A 258 -9.17 5.30 -4.79
N GLY A 259 -8.92 4.17 -5.45
CA GLY A 259 -10.01 3.37 -5.99
C GLY A 259 -10.89 2.79 -4.89
N ALA A 260 -10.27 2.41 -3.77
CA ALA A 260 -11.04 1.92 -2.63
C ALA A 260 -11.95 3.01 -2.07
N ALA A 261 -11.44 4.25 -2.02
CA ALA A 261 -12.24 5.36 -1.51
C ALA A 261 -13.45 5.63 -2.40
N VAL A 262 -13.23 5.68 -3.71
CA VAL A 262 -14.34 5.86 -4.65
C VAL A 262 -15.32 4.70 -4.53
N TYR A 263 -14.80 3.47 -4.40
CA TYR A 263 -15.65 2.30 -4.20
C TYR A 263 -16.50 2.44 -2.94
N CYS A 264 -15.90 2.93 -1.85
CA CYS A 264 -16.65 3.12 -0.62
C CYS A 264 -17.71 4.20 -0.77
N LEU A 265 -17.36 5.32 -1.40
CA LEU A 265 -18.34 6.38 -1.57
C LEU A 265 -19.46 5.97 -2.51
N ALA A 266 -19.17 5.09 -3.48
CA ALA A 266 -20.22 4.60 -4.37
C ALA A 266 -21.14 3.61 -3.65
N ARG A 267 -20.63 2.89 -2.66
CA ARG A 267 -21.42 1.90 -1.94
C ARG A 267 -22.16 2.48 -0.74
N PHE A 268 -21.64 3.56 -0.16
CA PHE A 268 -22.21 4.18 1.04
C PHE A 268 -22.64 5.60 0.69
N PRO A 269 -23.75 5.77 -0.03
CA PRO A 269 -24.14 7.12 -0.47
C PRO A 269 -24.37 8.09 0.68
N GLY A 270 -24.82 7.59 1.84
CA GLY A 270 -24.93 8.46 3.00
C GLY A 270 -23.61 9.09 3.40
N GLU A 271 -22.51 8.35 3.22
CA GLU A 271 -21.19 8.89 3.56
C GLU A 271 -20.69 9.88 2.50
N LEU A 272 -21.01 9.67 1.23
CA LEU A 272 -20.71 10.68 0.23
C LEU A 272 -21.43 11.98 0.53
N GLN A 273 -22.68 11.90 0.98
CA GLN A 273 -23.44 13.10 1.29
CA GLN A 273 -23.42 13.11 1.26
C GLN A 273 -22.87 13.83 2.48
N ARG A 274 -22.38 13.09 3.48
CA ARG A 274 -21.74 13.74 4.62
C ARG A 274 -20.44 14.40 4.19
N LEU A 275 -19.70 13.77 3.28
CA LEU A 275 -18.48 14.36 2.76
C LEU A 275 -18.78 15.63 1.96
N ARG A 276 -19.82 15.60 1.12
CA ARG A 276 -20.21 16.79 0.39
C ARG A 276 -20.50 17.95 1.34
N SER A 277 -21.24 17.69 2.42
CA SER A 277 -21.65 18.75 3.31
C SER A 277 -20.49 19.33 4.12
N ASP A 278 -19.40 18.57 4.29
CA ASP A 278 -18.20 19.08 4.95
C ASP A 278 -16.99 18.51 4.25
N PRO A 279 -16.51 19.18 3.19
CA PRO A 279 -15.33 18.68 2.47
C PRO A 279 -14.08 18.56 3.31
N THR A 280 -14.02 19.21 4.49
CA THR A 280 -12.85 19.04 5.33
C THR A 280 -12.76 17.64 5.95
N LEU A 281 -13.80 16.82 5.78
CA LEU A 281 -13.72 15.41 6.14
C LEU A 281 -12.96 14.58 5.12
N ALA A 282 -12.46 15.21 4.05
CA ALA A 282 -11.85 14.47 2.95
C ALA A 282 -10.67 13.62 3.43
N ARG A 283 -9.82 14.21 4.28
CA ARG A 283 -8.64 13.48 4.72
C ARG A 283 -9.00 12.26 5.54
N ASN A 284 -9.95 12.38 6.46
CA ASN A 284 -10.35 11.23 7.25
C ASN A 284 -11.20 10.25 6.44
N ALA A 285 -11.94 10.76 5.45
CA ALA A 285 -12.65 9.86 4.55
C ALA A 285 -11.68 8.95 3.81
N PHE A 286 -10.54 9.48 3.40
CA PHE A 286 -9.53 8.64 2.76
C PHE A 286 -8.89 7.69 3.75
N GLU A 287 -8.58 8.17 4.95
CA GLU A 287 -7.96 7.32 5.96
C GLU A 287 -8.87 6.14 6.30
N GLU A 288 -10.17 6.40 6.44
CA GLU A 288 -11.11 5.31 6.71
C GLU A 288 -11.17 4.33 5.56
N ALA A 289 -11.06 4.83 4.32
CA ALA A 289 -11.00 3.93 3.18
C ALA A 289 -9.77 3.03 3.25
N VAL A 290 -8.64 3.59 3.69
CA VAL A 290 -7.44 2.77 3.85
C VAL A 290 -7.67 1.69 4.91
N ARG A 291 -8.35 2.02 6.00
CA ARG A 291 -8.67 1.00 7.00
C ARG A 291 -9.65 -0.02 6.43
N PHE A 292 -10.70 0.47 5.76
CA PHE A 292 -11.82 -0.38 5.37
C PHE A 292 -11.42 -1.39 4.29
N GLU A 293 -10.64 -0.96 3.30
CA GLU A 293 -10.23 -1.84 2.23
C GLU A 293 -8.79 -2.33 2.36
N SER A 294 -7.93 -1.58 3.03
CA SER A 294 -6.53 -1.93 3.24
C SER A 294 -5.85 -2.33 1.94
N PRO A 295 -5.39 -1.36 1.13
CA PRO A 295 -4.74 -1.71 -0.15
C PRO A 295 -3.61 -2.70 0.00
N VAL A 296 -2.82 -2.61 1.06
CA VAL A 296 -1.84 -3.63 1.39
C VAL A 296 -2.49 -4.58 2.40
N GLN A 297 -2.74 -5.82 1.97
CA GLN A 297 -3.50 -6.77 2.78
C GLN A 297 -2.63 -7.54 3.77
N THR A 298 -1.45 -7.96 3.32
CA THR A 298 -0.63 -8.88 4.09
C THR A 298 0.84 -8.62 3.80
N PHE A 299 1.68 -8.97 4.76
CA PHE A 299 3.10 -9.25 4.50
C PHE A 299 3.66 -10.00 5.71
N PHE A 300 4.95 -10.34 5.63
CA PHE A 300 5.57 -11.26 6.56
C PHE A 300 6.60 -10.58 7.45
N ARG A 301 6.91 -11.26 8.54
CA ARG A 301 8.13 -11.08 9.31
C ARG A 301 8.79 -12.44 9.45
N THR A 302 10.04 -12.46 9.90
CA THR A 302 10.76 -13.70 10.18
C THR A 302 11.28 -13.64 11.62
N THR A 303 11.03 -14.70 12.38
CA THR A 303 11.50 -14.72 13.77
C THR A 303 13.01 -14.87 13.82
N THR A 304 13.64 -14.08 14.68
CA THR A 304 15.08 -14.18 14.92
C THR A 304 15.40 -15.11 16.08
N ARG A 305 14.39 -15.55 16.82
CA ARG A 305 14.60 -16.39 18.00
C ARG A 305 13.28 -17.09 18.29
N GLU A 306 13.34 -18.08 19.19
CA GLU A 306 12.12 -18.67 19.71
C GLU A 306 11.35 -17.62 20.50
N VAL A 307 10.03 -17.59 20.32
CA VAL A 307 9.23 -16.49 20.85
C VAL A 307 7.83 -16.99 21.18
N GLU A 308 7.30 -16.53 22.31
CA GLU A 308 5.93 -16.77 22.71
C GLU A 308 5.03 -15.68 22.14
N LEU A 309 3.99 -16.07 21.40
CA LEU A 309 3.01 -15.14 20.87
C LEU A 309 1.64 -15.78 20.98
N GLY A 310 0.76 -15.17 21.79
CA GLY A 310 -0.59 -15.68 21.98
C GLY A 310 -0.62 -17.10 22.50
N GLY A 311 0.14 -17.38 23.55
CA GLY A 311 0.24 -18.72 24.11
C GLY A 311 0.96 -19.71 23.23
N ALA A 312 1.52 -19.27 22.11
CA ALA A 312 2.10 -20.13 21.10
C ALA A 312 3.60 -19.92 21.04
N VAL A 313 4.36 -21.01 21.01
CA VAL A 313 5.81 -20.95 21.00
C VAL A 313 6.26 -21.10 19.55
N ILE A 314 6.66 -19.99 18.94
CA ILE A 314 7.17 -19.99 17.57
C ILE A 314 8.69 -20.10 17.61
N GLY A 315 9.24 -21.04 16.84
CA GLY A 315 10.67 -21.25 16.81
C GLY A 315 11.40 -20.18 16.01
N GLU A 316 12.72 -20.29 16.01
CA GLU A 316 13.57 -19.38 15.26
C GLU A 316 13.42 -19.62 13.77
N GLY A 317 13.57 -18.54 12.99
CA GLY A 317 13.59 -18.66 11.55
C GLY A 317 12.27 -19.04 10.93
N GLU A 318 11.15 -18.70 11.57
CA GLU A 318 9.83 -19.00 11.07
C GLU A 318 9.21 -17.75 10.46
N LYS A 319 8.54 -17.91 9.32
CA LYS A 319 7.81 -16.82 8.72
C LYS A 319 6.47 -16.63 9.43
N VAL A 320 6.14 -15.37 9.71
CA VAL A 320 4.89 -15.00 10.36
C VAL A 320 4.14 -14.07 9.42
N LEU A 321 2.95 -14.48 9.01
CA LEU A 321 2.13 -13.71 8.07
C LEU A 321 1.14 -12.87 8.86
N MET A 322 1.19 -11.55 8.65
CA MET A 322 0.28 -10.61 9.30
C MET A 322 -0.84 -10.24 8.35
N PHE A 323 -2.08 -10.26 8.85
CA PHE A 323 -3.25 -9.90 8.06
C PHE A 323 -3.66 -8.48 8.46
N LEU A 324 -3.11 -7.50 7.74
CA LEU A 324 -3.39 -6.10 8.05
C LEU A 324 -4.87 -5.77 7.85
N GLY A 325 -5.44 -6.22 6.74
CA GLY A 325 -6.85 -5.95 6.49
C GLY A 325 -7.75 -6.56 7.55
N SER A 326 -7.41 -7.77 7.99
CA SER A 326 -8.18 -8.42 9.05
C SER A 326 -8.05 -7.66 10.36
N ALA A 327 -6.84 -7.25 10.72
CA ALA A 327 -6.64 -6.47 11.94
C ALA A 327 -7.44 -5.17 11.90
N ASN A 328 -7.61 -4.59 10.71
CA ASN A 328 -8.38 -3.36 10.55
C ASN A 328 -9.88 -3.59 10.61
N ARG A 329 -10.33 -4.84 10.69
CA ARG A 329 -11.74 -5.17 10.82
C ARG A 329 -12.03 -6.02 12.05
N ASP A 330 -11.08 -6.12 12.97
CA ASP A 330 -11.22 -6.94 14.16
C ASP A 330 -12.24 -6.34 15.11
N PRO A 331 -13.39 -6.98 15.36
CA PRO A 331 -14.37 -6.41 16.29
C PRO A 331 -13.85 -6.29 17.71
N ARG A 332 -12.78 -7.01 18.06
CA ARG A 332 -12.13 -6.82 19.35
C ARG A 332 -11.57 -5.41 19.50
N ARG A 333 -11.38 -4.69 18.41
CA ARG A 333 -10.77 -3.37 18.41
C ARG A 333 -11.68 -2.30 17.83
N TRP A 334 -12.47 -2.62 16.82
CA TRP A 334 -13.28 -1.64 16.10
C TRP A 334 -14.77 -1.88 16.35
N SER A 335 -15.48 -0.80 16.62
CA SER A 335 -16.94 -0.85 16.63
C SER A 335 -17.46 -0.76 15.21
N ASP A 336 -18.44 -1.61 14.88
CA ASP A 336 -19.00 -1.75 13.54
C ASP A 336 -17.87 -1.78 12.50
N PRO A 337 -16.97 -2.77 12.56
CA PRO A 337 -15.79 -2.73 11.69
C PRO A 337 -16.13 -2.81 10.22
N ASP A 338 -17.26 -3.42 9.86
CA ASP A 338 -17.64 -3.59 8.47
C ASP A 338 -18.45 -2.40 7.94
N LEU A 339 -18.50 -1.31 8.68
CA LEU A 339 -19.13 -0.08 8.20
C LEU A 339 -18.07 0.94 7.83
N TYR A 340 -18.29 1.60 6.69
CA TYR A 340 -17.46 2.73 6.26
C TYR A 340 -18.01 4.00 6.90
N ASP A 341 -17.22 4.62 7.78
CA ASP A 341 -17.66 5.77 8.58
C ASP A 341 -16.58 6.84 8.49
N ILE A 342 -16.88 7.94 7.77
CA ILE A 342 -15.85 8.94 7.51
C ILE A 342 -15.54 9.83 8.70
N THR A 343 -16.29 9.72 9.80
CA THR A 343 -15.93 10.40 11.04
C THR A 343 -15.41 9.43 12.10
N ARG A 344 -15.15 8.19 11.73
CA ARG A 344 -14.55 7.24 12.67
C ARG A 344 -13.18 7.76 13.11
N LYS A 345 -12.89 7.57 14.40
CA LYS A 345 -11.53 7.82 14.89
C LYS A 345 -10.63 6.71 14.36
N THR A 346 -9.91 7.00 13.28
CA THR A 346 -9.15 6.00 12.55
C THR A 346 -7.75 5.78 13.10
N SER A 347 -7.28 6.65 14.00
CA SER A 347 -5.93 6.54 14.53
C SER A 347 -5.72 5.15 15.13
N GLY A 348 -4.64 4.48 14.72
CA GLY A 348 -4.34 3.15 15.20
C GLY A 348 -4.57 2.05 14.19
N HIS A 349 -5.24 2.33 13.07
CA HIS A 349 -5.32 1.33 12.02
C HIS A 349 -3.93 1.03 11.49
N VAL A 350 -3.76 -0.18 10.95
CA VAL A 350 -2.44 -0.61 10.51
C VAL A 350 -2.38 -0.71 8.99
N GLY A 351 -3.24 0.06 8.31
CA GLY A 351 -3.21 0.11 6.86
C GLY A 351 -1.90 0.64 6.29
N PHE A 352 -1.21 1.49 7.05
CA PHE A 352 0.13 1.97 6.69
C PHE A 352 1.21 1.25 7.47
N GLY A 353 0.85 0.18 8.18
CA GLY A 353 1.79 -0.47 9.07
C GLY A 353 1.83 0.21 10.43
N SER A 354 2.87 -0.13 11.20
CA SER A 354 3.05 0.43 12.52
C SER A 354 4.49 0.18 12.96
N GLY A 355 5.04 1.14 13.69
CA GLY A 355 6.39 0.99 14.20
C GLY A 355 7.46 1.60 13.31
N VAL A 356 8.66 1.01 13.34
CA VAL A 356 9.80 1.64 12.68
C VAL A 356 9.65 1.67 11.17
N HIS A 357 8.86 0.74 10.60
CA HIS A 357 8.68 0.66 9.16
C HIS A 357 7.38 1.30 8.68
N MET A 358 6.64 1.96 9.56
CA MET A 358 5.36 2.54 9.17
C MET A 358 5.54 3.43 7.94
N CYS A 359 4.68 3.21 6.95
CA CYS A 359 4.83 3.76 5.61
C CYS A 359 5.44 5.16 5.58
N VAL A 360 6.67 5.26 5.07
CA VAL A 360 7.35 6.54 5.03
C VAL A 360 6.74 7.49 4.00
N GLY A 361 5.97 6.98 3.06
CA GLY A 361 5.31 7.82 2.09
C GLY A 361 3.87 8.14 2.45
N GLN A 362 3.52 8.02 3.73
CA GLN A 362 2.12 8.17 4.13
C GLN A 362 1.61 9.59 3.90
N LEU A 363 2.49 10.58 3.96
CA LEU A 363 2.03 11.95 3.70
C LEU A 363 1.73 12.17 2.21
N VAL A 364 2.48 11.51 1.33
CA VAL A 364 2.18 11.60 -0.10
C VAL A 364 0.86 10.90 -0.39
N ALA A 365 0.63 9.72 0.19
CA ALA A 365 -0.60 8.99 -0.03
C ALA A 365 -1.80 9.78 0.47
N ARG A 366 -1.70 10.33 1.69
CA ARG A 366 -2.81 11.10 2.24
C ARG A 366 -3.07 12.38 1.44
N LEU A 367 -2.01 13.01 0.94
CA LEU A 367 -2.18 14.22 0.13
C LEU A 367 -2.99 13.91 -1.12
N GLU A 368 -2.60 12.86 -1.85
CA GLU A 368 -3.34 12.48 -3.06
C GLU A 368 -4.78 12.12 -2.73
N GLY A 369 -4.98 11.29 -1.70
CA GLY A 369 -6.32 10.88 -1.33
C GLY A 369 -7.19 12.06 -0.90
N GLU A 370 -6.65 12.90 -0.01
CA GLU A 370 -7.41 14.04 0.47
C GLU A 370 -7.86 14.95 -0.68
N VAL A 371 -6.92 15.35 -1.54
CA VAL A 371 -7.28 16.33 -2.56
C VAL A 371 -8.20 15.70 -3.61
N MET A 372 -8.12 14.40 -3.82
CA MET A 372 -9.07 13.76 -4.74
C MET A 372 -10.47 13.71 -4.12
N LEU A 373 -10.57 13.31 -2.85
CA LEU A 373 -11.88 13.26 -2.21
C LEU A 373 -12.42 14.66 -1.97
N SER A 374 -11.54 15.66 -1.82
CA SER A 374 -11.99 17.05 -1.73
C SER A 374 -12.63 17.48 -3.04
N ALA A 375 -11.97 17.20 -4.16
CA ALA A 375 -12.54 17.52 -5.46
C ALA A 375 -13.88 16.84 -5.65
N LEU A 376 -13.99 15.57 -5.27
CA LEU A 376 -15.26 14.87 -5.35
C LEU A 376 -16.30 15.51 -4.45
N ALA A 377 -15.91 15.89 -3.23
CA ALA A 377 -16.87 16.44 -2.28
C ALA A 377 -17.49 17.73 -2.79
N ARG A 378 -16.71 18.54 -3.49
CA ARG A 378 -17.17 19.86 -3.92
C ARG A 378 -17.86 19.83 -5.27
N LYS A 379 -17.58 18.84 -6.11
CA LYS A 379 -18.03 18.86 -7.50
C LYS A 379 -19.03 17.77 -7.86
N VAL A 380 -19.20 16.74 -7.03
CA VAL A 380 -19.99 15.57 -7.40
C VAL A 380 -21.17 15.43 -6.44
N ALA A 381 -22.35 15.17 -7.00
CA ALA A 381 -23.56 14.97 -6.21
C ALA A 381 -23.83 13.50 -5.92
N ALA A 382 -23.52 12.62 -6.87
CA ALA A 382 -23.76 11.19 -6.68
C ALA A 382 -22.74 10.38 -7.47
N ILE A 383 -22.46 9.18 -6.97
CA ILE A 383 -21.59 8.22 -7.65
C ILE A 383 -22.34 6.89 -7.68
N ASP A 384 -22.75 6.47 -8.87
CA ASP A 384 -23.58 5.27 -9.03
C ASP A 384 -22.84 4.27 -9.90
N ILE A 385 -22.65 3.06 -9.37
CA ILE A 385 -22.09 1.98 -10.17
C ILE A 385 -23.04 1.65 -11.30
N ASP A 386 -22.54 1.69 -12.54
CA ASP A 386 -23.39 1.50 -13.71
C ASP A 386 -22.77 0.54 -14.71
N GLY A 387 -21.92 -0.37 -14.23
CA GLY A 387 -21.31 -1.37 -15.08
C GLY A 387 -20.69 -2.49 -14.27
N PRO A 388 -20.24 -3.54 -14.95
CA PRO A 388 -19.66 -4.69 -14.23
C PRO A 388 -18.40 -4.29 -13.48
N VAL A 389 -18.36 -4.62 -12.20
CA VAL A 389 -17.20 -4.35 -11.35
C VAL A 389 -16.25 -5.54 -11.41
N LYS A 390 -14.97 -5.27 -11.62
CA LYS A 390 -13.96 -6.29 -11.79
C LYS A 390 -12.88 -6.13 -10.73
N ARG A 391 -12.53 -7.22 -10.05
CA ARG A 391 -11.47 -7.23 -9.06
C ARG A 391 -10.11 -7.45 -9.74
N ARG A 392 -9.08 -6.80 -9.19
CA ARG A 392 -7.71 -6.99 -9.64
C ARG A 392 -6.98 -7.86 -8.63
N PHE A 393 -6.36 -8.93 -9.10
CA PHE A 393 -5.79 -9.95 -8.23
C PHE A 393 -4.28 -9.73 -8.07
N ASN A 394 -3.83 -9.77 -6.82
CA ASN A 394 -2.43 -9.55 -6.47
C ASN A 394 -2.18 -10.24 -5.15
N ASN A 395 -0.99 -10.83 -5.00
CA ASN A 395 -0.70 -11.63 -3.82
C ASN A 395 -0.74 -10.81 -2.54
N THR A 396 -0.47 -9.50 -2.62
CA THR A 396 -0.49 -8.65 -1.43
C THR A 396 -1.37 -7.41 -1.54
N LEU A 397 -1.74 -6.98 -2.76
CA LEU A 397 -2.54 -5.78 -2.93
C LEU A 397 -4.00 -6.14 -3.17
N ARG A 398 -4.90 -5.39 -2.55
CA ARG A 398 -6.33 -5.51 -2.78
C ARG A 398 -6.81 -4.27 -3.52
N GLY A 399 -7.55 -4.47 -4.60
CA GLY A 399 -8.02 -3.36 -5.40
C GLY A 399 -8.80 -3.88 -6.58
N LEU A 400 -9.44 -2.94 -7.27
CA LEU A 400 -10.31 -3.26 -8.39
C LEU A 400 -9.60 -3.07 -9.71
N GLU A 401 -9.98 -3.89 -10.69
CA GLU A 401 -9.51 -3.75 -12.05
C GLU A 401 -10.35 -2.75 -12.84
N SER A 402 -11.65 -2.72 -12.59
CA SER A 402 -12.56 -1.84 -13.31
C SER A 402 -13.74 -1.49 -12.41
N LEU A 403 -14.09 -0.21 -12.40
CA LEU A 403 -15.19 0.30 -11.56
C LEU A 403 -16.01 1.30 -12.36
N PRO A 404 -16.88 0.81 -13.25
CA PRO A 404 -17.71 1.72 -14.06
C PRO A 404 -18.71 2.45 -13.18
N VAL A 405 -18.66 3.78 -13.20
CA VAL A 405 -19.56 4.58 -12.39
C VAL A 405 -20.10 5.74 -13.22
N LYS A 406 -21.30 6.20 -12.84
CA LYS A 406 -21.87 7.46 -13.30
C LYS A 406 -21.54 8.53 -12.27
N LEU A 407 -21.03 9.66 -12.73
CA LEU A 407 -20.78 10.82 -11.88
C LEU A 407 -21.85 11.86 -12.15
N THR A 408 -22.66 12.19 -11.14
CA THR A 408 -23.62 13.29 -11.24
C THR A 408 -23.02 14.57 -10.70
N PRO A 409 -22.99 15.65 -11.49
CA PRO A 409 -22.40 16.90 -11.00
C PRO A 409 -23.26 17.53 -9.91
N ALA A 410 -22.59 18.21 -8.99
CA ALA A 410 -23.28 18.94 -7.95
C ALA A 410 -23.95 20.19 -8.52
#